data_1GVL
#
_entry.id   1GVL
#
_cell.length_a   46.000
_cell.length_b   66.400
_cell.length_c   71.200
_cell.angle_alpha   90.00
_cell.angle_beta   90.00
_cell.angle_gamma   90.00
#
_symmetry.space_group_name_H-M   'P 21 21 21'
#
loop_
_entity.id
_entity.type
_entity.pdbx_description
1 polymer 'KALLIKREIN 6'
2 water water
#
_entity_poly.entity_id   1
_entity_poly.type   'polypeptide(L)'
_entity_poly.pdbx_seq_one_letter_code
;KLVHGGPCDKTSHPYQAALYTSGHLLCGGVLIHPLWVLTAAHCKKPNLQVFLGKHNLRQQESSQEQSSVVRAVIHPDYDA
ASHDQDIMLLRLARPAKLSELIQPLPLERDCSAQTTSCHILGWGKTADGDFPDTIQCAYIHLVSREECEHAYPGQITQNM
LCAGDEKYGKDSCQGDSGGPLVCGDHLRGLVSWGNIPCGSKEKPGVYTNVCRYTNWIQKTIQA
;
_entity_poly.pdbx_strand_id   A
#
# COMPACT_ATOMS: atom_id res chain seq x y z
N LYS A 1 -17.78 9.10 21.89
CA LYS A 1 -17.25 9.08 20.49
C LYS A 1 -17.04 7.65 20.03
N LEU A 2 -17.53 6.69 20.82
CA LEU A 2 -17.39 5.28 20.51
C LEU A 2 -17.94 4.93 19.13
N VAL A 3 -17.11 4.26 18.33
CA VAL A 3 -17.47 3.85 16.98
C VAL A 3 -17.60 5.04 16.03
N HIS A 4 -17.98 6.21 16.54
CA HIS A 4 -18.19 7.45 15.77
C HIS A 4 -17.02 7.67 14.86
N GLY A 5 -16.19 6.74 14.90
CA GLY A 5 -14.93 6.77 14.20
C GLY A 5 -14.87 5.87 13.00
N GLY A 6 -13.66 5.85 12.46
CA GLY A 6 -13.40 5.10 11.25
C GLY A 6 -11.99 4.59 11.26
N PRO A 7 -11.55 4.07 10.11
CA PRO A 7 -10.24 3.48 10.00
C PRO A 7 -9.14 4.36 10.44
N CYS A 8 -9.24 5.63 10.24
CA CYS A 8 -8.11 6.46 10.58
C CYS A 8 -8.01 6.72 12.10
N ASP A 9 -9.01 6.30 12.85
CA ASP A 9 -8.93 6.41 14.30
C ASP A 9 -8.29 5.16 14.88
N LYS A 10 -8.23 4.10 14.08
CA LYS A 10 -7.72 2.82 14.57
C LYS A 10 -6.28 2.98 15.05
N THR A 11 -6.03 2.32 16.16
CA THR A 11 -4.72 2.34 16.74
C THR A 11 -3.83 1.29 16.05
N SER A 12 -4.47 0.23 15.54
CA SER A 12 -3.73 -0.83 14.81
C SER A 12 -4.37 -1.06 13.42
N HIS A 13 -3.50 -1.35 12.44
CA HIS A 13 -3.90 -1.72 11.05
C HIS A 13 -3.21 -3.06 10.79
N PRO A 14 -3.90 -4.15 11.11
CA PRO A 14 -3.34 -5.50 11.07
C PRO A 14 -2.78 -6.00 9.77
N TYR A 15 -3.14 -5.40 8.66
CA TYR A 15 -2.68 -5.87 7.35
C TYR A 15 -1.52 -5.02 6.80
N GLN A 16 -1.12 -3.99 7.53
CA GLN A 16 -0.04 -3.09 7.07
C GLN A 16 1.33 -3.69 7.37
N ALA A 17 2.15 -3.80 6.34
CA ALA A 17 3.50 -4.29 6.52
C ALA A 17 4.50 -3.14 6.30
N ALA A 18 5.67 -3.27 6.92
CA ALA A 18 6.80 -2.31 6.71
C ALA A 18 7.94 -3.12 6.06
N LEU A 19 8.52 -2.58 5.01
CA LEU A 19 9.62 -3.24 4.30
C LEU A 19 10.93 -2.48 4.58
N TYR A 20 11.91 -3.22 5.06
CA TYR A 20 13.22 -2.67 5.37
C TYR A 20 14.32 -3.25 4.50
N THR A 21 15.29 -2.41 4.21
CA THR A 21 16.50 -2.86 3.54
C THR A 21 17.67 -2.14 4.23
N SER A 22 18.70 -2.88 4.56
CA SER A 22 19.89 -2.34 5.27
C SER A 22 19.55 -1.41 6.45
N GLY A 23 18.56 -1.77 7.26
CA GLY A 23 18.21 -0.99 8.48
C GLY A 23 17.29 0.21 8.25
N HIS A 24 16.90 0.45 7.01
CA HIS A 24 16.02 1.61 6.73
C HIS A 24 14.66 1.17 6.15
N LEU A 25 13.61 1.82 6.66
CA LEU A 25 12.21 1.57 6.24
C LEU A 25 12.04 2.21 4.85
N LEU A 26 11.94 1.36 3.86
CA LEU A 26 11.91 1.78 2.45
C LEU A 26 10.50 1.97 1.85
N CYS A 27 9.56 1.19 2.30
CA CYS A 27 8.22 1.16 1.69
C CYS A 27 7.21 0.47 2.60
N GLY A 28 5.95 0.66 2.33
CA GLY A 28 4.92 -0.09 3.03
C GLY A 28 4.56 -1.30 2.11
N GLY A 29 3.59 -2.08 2.55
CA GLY A 29 3.13 -3.27 1.84
C GLY A 29 1.87 -3.75 2.54
N VAL A 30 1.27 -4.79 1.98
CA VAL A 30 0.02 -5.34 2.51
C VAL A 30 0.05 -6.85 2.60
N LEU A 31 -0.30 -7.36 3.76
CA LEU A 31 -0.34 -8.81 3.96
C LEU A 31 -1.64 -9.27 3.27
N ILE A 32 -1.51 -10.19 2.33
CA ILE A 32 -2.71 -10.67 1.60
C ILE A 32 -2.92 -12.18 1.75
N HIS A 33 -1.97 -12.83 2.38
CA HIS A 33 -1.97 -14.27 2.59
C HIS A 33 -0.97 -14.53 3.69
N PRO A 34 -1.15 -15.52 4.56
CA PRO A 34 -0.15 -15.76 5.59
C PRO A 34 1.28 -15.89 5.06
N LEU A 35 1.49 -16.27 3.84
CA LEU A 35 2.88 -16.36 3.34
C LEU A 35 3.28 -15.23 2.37
N TRP A 36 2.41 -14.28 2.09
CA TRP A 36 2.75 -13.26 1.06
C TRP A 36 2.32 -11.85 1.38
N VAL A 37 3.22 -10.94 1.07
CA VAL A 37 2.99 -9.51 1.21
C VAL A 37 3.02 -8.93 -0.22
N LEU A 38 2.09 -8.05 -0.49
CA LEU A 38 1.99 -7.39 -1.80
C LEU A 38 2.48 -5.94 -1.62
N THR A 39 3.30 -5.49 -2.56
CA THR A 39 3.84 -4.11 -2.52
C THR A 39 4.07 -3.66 -3.96
N ALA A 40 4.62 -2.46 -4.11
CA ALA A 40 4.92 -1.94 -5.45
C ALA A 40 6.26 -2.50 -5.94
N ALA A 41 6.31 -2.73 -7.24
CA ALA A 41 7.52 -3.22 -7.88
C ALA A 41 8.64 -2.21 -7.70
N HIS A 42 8.28 -0.93 -7.65
CA HIS A 42 9.31 0.09 -7.53
C HIS A 42 9.98 0.01 -6.16
N CYS A 43 9.46 -0.84 -5.28
CA CYS A 43 10.04 -1.04 -3.94
C CYS A 43 11.10 -2.16 -3.89
N LYS A 44 11.37 -2.81 -4.99
CA LYS A 44 12.34 -3.93 -4.98
C LYS A 44 13.77 -3.47 -4.62
N LYS A 45 14.32 -4.12 -3.63
CA LYS A 45 15.69 -3.89 -3.20
C LYS A 45 16.22 -5.21 -2.69
N PRO A 46 17.53 -5.40 -2.59
CA PRO A 46 18.06 -6.63 -2.04
C PRO A 46 17.74 -6.88 -0.56
N ASN A 47 17.76 -8.15 -0.21
CA ASN A 47 17.58 -8.62 1.18
C ASN A 47 16.50 -7.90 1.98
N LEU A 48 15.32 -7.76 1.39
CA LEU A 48 14.19 -7.13 2.07
C LEU A 48 13.83 -7.89 3.35
N GLN A 49 13.44 -7.14 4.35
CA GLN A 49 12.96 -7.67 5.64
C GLN A 49 11.58 -7.08 5.85
N VAL A 50 10.69 -7.86 6.41
CA VAL A 50 9.32 -7.42 6.64
C VAL A 50 8.95 -7.42 8.11
N PHE A 51 8.24 -6.38 8.51
CA PHE A 51 7.68 -6.29 9.88
C PHE A 51 6.15 -6.25 9.73
N LEU A 52 5.50 -7.12 10.46
CA LEU A 52 4.04 -7.24 10.51
C LEU A 52 3.58 -6.93 11.94
N GLY A 53 2.36 -6.47 12.05
CA GLY A 53 1.74 -6.15 13.34
C GLY A 53 2.45 -5.03 14.10
N LYS A 54 3.10 -4.13 13.36
CA LYS A 54 3.85 -3.02 14.02
C LYS A 54 3.04 -1.73 13.99
N HIS A 55 3.33 -0.89 14.97
CA HIS A 55 2.64 0.38 15.13
C HIS A 55 3.63 1.54 15.02
N ASN A 56 4.84 1.31 15.51
CA ASN A 56 5.89 2.35 15.49
C ASN A 56 7.26 1.70 15.23
N LEU A 57 7.99 2.27 14.30
CA LEU A 57 9.26 1.67 13.88
C LEU A 57 10.37 2.70 13.74
N ARG A 58 11.59 2.25 14.02
CA ARG A 58 12.76 3.13 13.92
C ARG A 58 13.79 2.58 12.93
N GLN A 59 14.69 3.46 12.53
CA GLN A 59 15.80 3.06 11.65
C GLN A 59 16.66 2.11 12.49
N GLN A 60 17.20 1.10 11.83
CA GLN A 60 17.96 0.06 12.53
C GLN A 60 17.04 -0.60 13.58
N GLU A 61 15.75 -0.63 13.27
CA GLU A 61 14.74 -1.19 14.17
C GLU A 61 15.31 -2.45 14.83
N SER A 62 15.29 -2.35 16.16
CA SER A 62 15.77 -3.38 17.07
C SER A 62 14.64 -4.34 17.42
N SER A 63 13.45 -3.80 17.62
CA SER A 63 12.28 -4.63 17.94
C SER A 63 12.19 -5.71 16.88
N GLN A 64 12.69 -6.88 17.23
CA GLN A 64 12.71 -7.98 16.30
C GLN A 64 11.29 -8.36 15.86
N GLU A 65 11.02 -9.60 15.82
CA GLU A 65 9.75 -10.10 15.30
C GLU A 65 9.65 -9.64 13.84
N GLN A 66 10.71 -9.90 13.09
CA GLN A 66 10.74 -9.58 11.67
C GLN A 66 10.79 -10.90 10.91
N SER A 67 10.52 -10.82 9.63
CA SER A 67 10.55 -12.00 8.77
C SER A 67 11.27 -11.68 7.48
N SER A 68 12.27 -12.48 7.17
CA SER A 68 13.05 -12.24 5.96
C SER A 68 12.24 -12.69 4.74
N VAL A 69 12.43 -11.98 3.64
CA VAL A 69 11.76 -12.35 2.40
C VAL A 69 12.61 -13.42 1.69
N VAL A 70 12.03 -14.55 1.32
CA VAL A 70 12.83 -15.61 0.67
C VAL A 70 12.62 -15.67 -0.86
N ARG A 71 11.63 -14.96 -1.36
CA ARG A 71 11.39 -14.89 -2.80
C ARG A 71 10.63 -13.60 -3.12
N ALA A 72 11.11 -12.91 -4.13
CA ALA A 72 10.47 -11.68 -4.59
C ALA A 72 10.09 -11.89 -6.03
N VAL A 73 8.83 -11.69 -6.32
CA VAL A 73 8.34 -11.85 -7.68
C VAL A 73 7.75 -10.56 -8.22
N ILE A 74 8.50 -9.90 -9.06
CA ILE A 74 8.01 -8.68 -9.66
C ILE A 74 7.20 -9.07 -10.85
N HIS A 75 6.16 -8.30 -11.14
CA HIS A 75 5.37 -8.62 -12.35
C HIS A 75 6.31 -8.56 -13.56
N PRO A 76 6.31 -9.60 -14.39
CA PRO A 76 7.23 -9.68 -15.50
C PRO A 76 7.06 -8.56 -16.52
N ASP A 77 5.91 -7.91 -16.56
CA ASP A 77 5.73 -6.82 -17.52
C ASP A 77 5.88 -5.42 -16.87
N TYR A 78 6.48 -5.36 -15.69
CA TYR A 78 6.68 -4.06 -14.99
C TYR A 78 7.56 -3.17 -15.86
N ASP A 79 7.16 -1.93 -16.05
CA ASP A 79 7.96 -0.98 -16.85
C ASP A 79 8.27 0.24 -15.98
N ALA A 80 9.52 0.35 -15.58
CA ALA A 80 9.95 1.40 -14.63
C ALA A 80 9.70 2.83 -15.15
N ALA A 81 9.92 3.07 -16.43
CA ALA A 81 9.75 4.42 -16.97
C ALA A 81 8.29 4.91 -16.79
N SER A 82 7.35 4.05 -17.08
CA SER A 82 5.93 4.43 -16.99
C SER A 82 5.28 4.05 -15.66
N HIS A 83 5.96 3.19 -14.94
CA HIS A 83 5.46 2.57 -13.70
C HIS A 83 4.22 1.69 -14.01
N ASP A 84 4.08 1.24 -15.27
CA ASP A 84 2.97 0.35 -15.64
C ASP A 84 3.21 -1.05 -14.99
N GLN A 85 2.17 -1.56 -14.36
CA GLN A 85 2.18 -2.90 -13.71
C GLN A 85 3.16 -2.88 -12.51
N ASP A 86 2.99 -1.85 -11.69
CA ASP A 86 3.84 -1.60 -10.49
C ASP A 86 3.39 -2.47 -9.31
N ILE A 87 3.72 -3.74 -9.38
CA ILE A 87 3.28 -4.69 -8.35
C ILE A 87 4.33 -5.80 -8.20
N MET A 88 4.42 -6.28 -6.97
CA MET A 88 5.40 -7.31 -6.60
C MET A 88 4.90 -8.10 -5.38
N LEU A 89 5.10 -9.40 -5.45
CA LEU A 89 4.74 -10.33 -4.38
C LEU A 89 5.99 -10.73 -3.62
N LEU A 90 5.92 -10.69 -2.30
CA LEU A 90 7.05 -11.08 -1.45
C LEU A 90 6.68 -12.31 -0.62
N ARG A 91 7.44 -13.38 -0.78
CA ARG A 91 7.17 -14.61 0.00
C ARG A 91 7.94 -14.55 1.32
N LEU A 92 7.21 -14.65 2.43
CA LEU A 92 7.82 -14.61 3.79
C LEU A 92 8.55 -15.92 4.12
N ALA A 93 9.50 -15.81 5.01
CA ALA A 93 10.31 -16.94 5.46
C ALA A 93 9.49 -17.97 6.28
N ARG A 94 8.44 -17.49 6.92
CA ARG A 94 7.53 -18.33 7.73
C ARG A 94 6.14 -17.80 7.56
N PRO A 95 5.07 -18.61 7.68
CA PRO A 95 3.73 -18.09 7.60
C PRO A 95 3.49 -17.16 8.77
N ALA A 96 2.79 -16.09 8.50
CA ALA A 96 2.42 -15.15 9.56
C ALA A 96 1.42 -15.88 10.49
N LYS A 97 1.57 -15.67 11.78
CA LYS A 97 0.65 -16.23 12.78
C LYS A 97 -0.40 -15.15 12.99
N LEU A 98 -1.59 -15.42 12.50
CA LEU A 98 -2.68 -14.43 12.54
C LEU A 98 -3.15 -14.22 13.99
N SER A 99 -3.48 -12.99 14.28
CA SER A 99 -3.87 -12.58 15.64
C SER A 99 -4.70 -11.31 15.57
N GLU A 100 -4.88 -10.71 16.72
CA GLU A 100 -5.58 -9.44 16.80
C GLU A 100 -4.77 -8.35 16.08
N LEU A 101 -3.46 -8.53 16.08
CA LEU A 101 -2.55 -7.54 15.52
C LEU A 101 -2.12 -7.86 14.07
N ILE A 102 -2.35 -9.07 13.60
CA ILE A 102 -1.95 -9.43 12.22
C ILE A 102 -3.05 -10.19 11.49
N GLN A 103 -3.54 -9.57 10.43
CA GLN A 103 -4.61 -10.12 9.59
C GLN A 103 -4.43 -9.73 8.12
N PRO A 104 -4.66 -10.65 7.16
CA PRO A 104 -4.56 -10.32 5.74
C PRO A 104 -5.78 -9.45 5.30
N LEU A 105 -5.60 -8.68 4.26
CA LEU A 105 -6.68 -7.84 3.68
C LEU A 105 -7.14 -8.50 2.37
N PRO A 106 -8.44 -8.79 2.18
CA PRO A 106 -8.93 -9.39 0.94
C PRO A 106 -8.76 -8.45 -0.24
N LEU A 107 -8.52 -9.02 -1.40
CA LEU A 107 -8.36 -8.24 -2.60
C LEU A 107 -9.71 -7.93 -3.22
N GLU A 108 -9.81 -6.78 -3.86
CA GLU A 108 -11.02 -6.43 -4.61
C GLU A 108 -10.94 -7.24 -5.90
N ARG A 109 -11.89 -8.11 -6.14
CA ARG A 109 -11.85 -8.94 -7.35
C ARG A 109 -12.67 -8.34 -8.48
N ASP A 110 -13.43 -7.29 -8.18
CA ASP A 110 -14.32 -6.71 -9.18
C ASP A 110 -13.87 -5.30 -9.57
N CYS A 111 -13.36 -5.18 -10.79
CA CYS A 111 -12.87 -3.88 -11.24
C CYS A 111 -14.00 -2.86 -11.34
N SER A 112 -15.24 -3.34 -11.37
CA SER A 112 -16.39 -2.45 -11.45
C SER A 112 -17.02 -2.17 -10.08
N ALA A 113 -16.31 -2.56 -9.00
CA ALA A 113 -16.84 -2.32 -7.63
C ALA A 113 -17.23 -0.84 -7.56
N GLN A 114 -18.33 -0.57 -6.86
CA GLN A 114 -18.91 0.78 -6.85
C GLN A 114 -18.44 1.72 -5.74
N THR A 115 -17.88 1.18 -4.67
CA THR A 115 -17.42 2.03 -3.55
C THR A 115 -16.24 2.91 -4.00
N THR A 116 -16.37 4.21 -3.76
CA THR A 116 -15.34 5.16 -4.17
C THR A 116 -14.73 5.90 -2.96
N SER A 117 -15.29 5.68 -1.79
CA SER A 117 -14.77 6.28 -0.53
C SER A 117 -13.69 5.34 -0.03
N CYS A 118 -12.50 5.84 0.18
CA CYS A 118 -11.40 4.98 0.56
C CYS A 118 -10.52 5.60 1.62
N HIS A 119 -9.52 4.82 2.04
CA HIS A 119 -8.45 5.35 2.90
C HIS A 119 -7.11 4.76 2.40
N ILE A 120 -6.03 5.47 2.70
CA ILE A 120 -4.68 4.97 2.37
C ILE A 120 -3.89 4.93 3.65
N LEU A 121 -2.90 4.06 3.64
CA LEU A 121 -1.96 3.91 4.75
C LEU A 121 -0.52 4.09 4.25
N GLY A 122 0.31 4.72 5.06
CA GLY A 122 1.74 4.87 4.73
C GLY A 122 2.56 5.12 6.01
N TRP A 123 3.83 4.74 5.97
CA TRP A 123 4.73 4.92 7.13
C TRP A 123 5.34 6.32 7.06
N GLY A 124 5.29 7.04 8.19
CA GLY A 124 5.84 8.40 8.25
C GLY A 124 5.83 9.01 9.67
N LYS A 125 6.48 10.14 9.79
CA LYS A 125 6.59 10.85 11.07
C LYS A 125 5.52 11.92 11.06
N THR A 126 4.64 11.80 12.00
CA THR A 126 3.48 12.67 12.10
C THR A 126 3.83 14.16 11.99
N ALA A 127 4.98 14.55 12.50
CA ALA A 127 5.39 15.95 12.44
C ALA A 127 6.87 16.09 12.62
N ASP A 128 7.33 17.22 12.04
CA ASP A 128 8.76 17.57 12.02
C ASP A 128 9.40 17.37 13.40
N GLY A 129 10.38 16.50 13.41
CA GLY A 129 11.11 16.16 14.64
C GLY A 129 12.10 15.04 14.38
N ASP A 130 11.85 13.91 15.01
CA ASP A 130 12.70 12.73 14.86
C ASP A 130 12.06 11.53 15.55
N PHE A 131 10.78 11.64 15.85
CA PHE A 131 10.06 10.55 16.49
C PHE A 131 10.00 9.38 15.51
N PRO A 132 9.65 8.26 15.97
CA PRO A 132 9.63 7.06 15.16
C PRO A 132 8.65 7.19 14.02
N ASP A 133 8.76 6.29 13.06
CA ASP A 133 7.78 6.25 11.97
C ASP A 133 6.55 5.50 12.51
N THR A 134 5.38 5.97 12.13
CA THR A 134 4.11 5.36 12.55
C THR A 134 3.21 5.29 11.33
N ILE A 135 2.07 4.66 11.48
CA ILE A 135 1.19 4.51 10.34
C ILE A 135 0.33 5.74 10.16
N GLN A 136 0.52 6.37 8.99
CA GLN A 136 -0.23 7.58 8.63
C GLN A 136 -1.42 7.13 7.78
N CYS A 137 -2.59 7.56 8.17
CA CYS A 137 -3.84 7.19 7.49
C CYS A 137 -4.54 8.47 7.05
N ALA A 138 -5.16 8.40 5.89
CA ALA A 138 -5.90 9.54 5.33
C ALA A 138 -7.05 9.02 4.48
N TYR A 139 -8.10 9.80 4.43
CA TYR A 139 -9.28 9.46 3.63
C TYR A 139 -9.19 10.13 2.28
N ILE A 140 -9.51 9.37 1.23
CA ILE A 140 -9.54 9.93 -0.15
C ILE A 140 -10.59 9.21 -0.99
N HIS A 141 -10.88 9.79 -2.13
CA HIS A 141 -11.90 9.24 -3.05
C HIS A 141 -11.32 8.91 -4.42
N LEU A 142 -11.83 7.84 -4.99
CA LEU A 142 -11.47 7.45 -6.36
C LEU A 142 -11.90 8.56 -7.32
N VAL A 143 -11.12 8.74 -8.35
CA VAL A 143 -11.39 9.72 -9.40
C VAL A 143 -11.59 8.95 -10.71
N SER A 144 -12.54 9.40 -11.52
CA SER A 144 -12.85 8.70 -12.79
C SER A 144 -11.60 8.59 -13.68
N ARG A 145 -11.59 7.54 -14.49
CA ARG A 145 -10.46 7.27 -15.41
C ARG A 145 -10.24 8.46 -16.36
N GLU A 146 -11.31 9.00 -16.89
CA GLU A 146 -11.22 10.17 -17.79
C GLU A 146 -10.58 11.37 -17.05
N GLU A 147 -11.00 11.61 -15.81
CA GLU A 147 -10.42 12.71 -15.03
C GLU A 147 -8.91 12.43 -14.77
N CYS A 148 -8.59 11.16 -14.51
CA CYS A 148 -7.21 10.68 -14.24
C CYS A 148 -6.30 10.97 -15.45
N GLU A 149 -6.80 10.58 -16.61
CA GLU A 149 -6.09 10.75 -17.87
C GLU A 149 -5.89 12.26 -18.20
N HIS A 150 -6.82 13.09 -17.79
CA HIS A 150 -6.72 14.54 -18.06
C HIS A 150 -5.62 15.18 -17.18
N ALA A 151 -5.45 14.66 -15.98
CA ALA A 151 -4.43 15.18 -15.06
C ALA A 151 -3.01 14.73 -15.46
N TYR A 152 -2.93 13.53 -16.01
CA TYR A 152 -1.64 12.94 -16.42
C TYR A 152 -1.75 12.47 -17.87
N PRO A 153 -1.83 13.40 -18.83
CA PRO A 153 -2.02 13.04 -20.22
C PRO A 153 -0.96 12.08 -20.75
N GLY A 154 -1.44 11.02 -21.38
CA GLY A 154 -0.59 9.98 -22.01
C GLY A 154 0.11 9.04 -21.02
N GLN A 155 -0.16 9.18 -19.74
CA GLN A 155 0.59 8.38 -18.74
C GLN A 155 -0.23 7.37 -17.97
N ILE A 156 -1.53 7.37 -18.13
CA ILE A 156 -2.38 6.46 -17.34
C ILE A 156 -2.82 5.26 -18.15
N THR A 157 -2.45 4.06 -17.69
CA THR A 157 -2.84 2.81 -18.36
C THR A 157 -3.99 2.16 -17.57
N GLN A 158 -4.52 1.08 -18.13
CA GLN A 158 -5.61 0.33 -17.52
C GLN A 158 -5.12 -0.34 -16.24
N ASN A 159 -3.81 -0.44 -16.08
CA ASN A 159 -3.27 -1.08 -14.86
C ASN A 159 -3.07 -0.05 -13.70
N MET A 160 -3.65 1.12 -13.87
CA MET A 160 -3.57 2.20 -12.88
C MET A 160 -4.94 2.80 -12.59
N LEU A 161 -5.07 3.38 -11.41
CA LEU A 161 -6.27 4.15 -11.06
C LEU A 161 -5.85 5.38 -10.28
N CYS A 162 -6.72 6.36 -10.23
CA CYS A 162 -6.41 7.61 -9.52
C CYS A 162 -7.33 7.83 -8.34
N ALA A 163 -6.79 8.50 -7.35
CA ALA A 163 -7.58 8.85 -6.17
C ALA A 163 -7.00 10.12 -5.52
N GLY A 164 -7.86 10.87 -4.85
CA GLY A 164 -7.44 12.11 -4.18
C GLY A 164 -8.63 12.78 -3.48
N ASP A 165 -8.40 13.98 -2.98
CA ASP A 165 -9.46 14.74 -2.29
C ASP A 165 -9.15 16.24 -2.36
N GLU A 166 -10.16 17.05 -2.60
CA GLU A 166 -9.92 18.49 -2.76
C GLU A 166 -9.22 19.08 -1.54
N LYS A 167 -9.35 18.41 -0.42
CA LYS A 167 -8.76 18.92 0.83
C LYS A 167 -7.23 18.75 0.81
N TYR A 168 -6.80 17.92 -0.16
CA TYR A 168 -5.39 17.58 -0.42
C TYR A 168 -4.93 16.41 0.47
N GLY A 169 -5.83 15.46 0.70
CA GLY A 169 -5.51 14.28 1.51
C GLY A 169 -6.45 14.11 2.71
N LYS A 170 -5.90 14.38 3.89
CA LYS A 170 -6.66 14.24 5.14
C LYS A 170 -5.80 14.75 6.32
N ASP A 171 -5.49 16.04 6.26
CA ASP A 171 -4.68 16.77 7.26
C ASP A 171 -3.89 15.82 8.17
N SER A 172 -3.12 15.08 7.55
CA SER A 172 -2.28 14.06 8.14
C SER A 172 -1.75 13.19 7.01
N CYS A 173 -1.29 13.82 5.93
CA CYS A 173 -0.81 13.01 4.82
C CYS A 173 0.69 13.01 4.59
N GLN A 174 1.32 12.44 5.56
CA GLN A 174 2.71 12.11 5.50
C GLN A 174 2.65 10.67 5.03
N GLY A 175 3.71 10.02 4.69
CA GLY A 175 3.64 8.60 4.42
C GLY A 175 4.40 8.25 3.17
N ASP A 176 4.86 7.01 3.11
CA ASP A 176 5.61 6.54 1.98
C ASP A 176 4.73 5.79 0.99
N SER A 177 5.37 5.08 0.06
CA SER A 177 4.65 4.39 -1.01
C SER A 177 4.66 2.89 -0.78
N GLY A 178 4.03 2.17 -1.69
CA GLY A 178 4.00 0.72 -1.63
C GLY A 178 2.87 0.19 -0.77
N GLY A 179 2.25 1.07 0.01
CA GLY A 179 1.16 0.67 0.89
C GLY A 179 -0.19 0.68 0.22
N PRO A 180 -1.22 0.31 0.98
CA PRO A 180 -2.57 0.09 0.44
C PRO A 180 -3.48 1.29 0.26
N LEU A 181 -4.34 1.15 -0.75
CA LEU A 181 -5.52 1.96 -0.94
C LEU A 181 -6.67 1.01 -0.70
N VAL A 182 -7.50 1.30 0.30
CA VAL A 182 -8.54 0.39 0.78
C VAL A 182 -9.88 1.02 0.56
N CYS A 183 -10.75 0.31 -0.17
CA CYS A 183 -12.07 0.81 -0.52
C CYS A 183 -13.08 -0.31 -0.22
N GLY A 184 -14.11 0.01 0.55
CA GLY A 184 -15.06 -1.01 0.95
C GLY A 184 -14.41 -2.17 1.66
N ASP A 185 -13.36 -1.89 2.44
CA ASP A 185 -12.67 -2.92 3.22
C ASP A 185 -11.98 -3.98 2.37
N HIS A 186 -11.70 -3.67 1.10
CA HIS A 186 -10.87 -4.53 0.24
C HIS A 186 -9.67 -3.74 -0.32
N LEU A 187 -8.57 -4.43 -0.63
CA LEU A 187 -7.43 -3.82 -1.29
C LEU A 187 -7.80 -3.38 -2.72
N ARG A 188 -7.80 -2.09 -2.98
CA ARG A 188 -8.18 -1.58 -4.31
C ARG A 188 -6.96 -1.11 -5.10
N GLY A 189 -5.90 -0.68 -4.40
CA GLY A 189 -4.72 -0.15 -5.08
C GLY A 189 -3.49 -0.21 -4.22
N LEU A 190 -2.33 0.10 -4.82
CA LEU A 190 -1.09 0.27 -4.06
C LEU A 190 -0.54 1.65 -4.46
N VAL A 191 0.02 2.39 -3.50
CA VAL A 191 0.48 3.74 -3.74
C VAL A 191 1.64 3.64 -4.72
N SER A 192 1.50 4.28 -5.88
CA SER A 192 2.46 4.03 -6.96
C SER A 192 3.25 5.27 -7.41
N TRP A 193 2.58 6.28 -7.95
CA TRP A 193 3.30 7.49 -8.32
C TRP A 193 2.36 8.67 -8.39
N GLY A 194 2.87 9.81 -8.84
CA GLY A 194 2.04 11.00 -8.94
C GLY A 194 2.08 11.82 -7.66
N ASN A 195 0.97 12.44 -7.33
CA ASN A 195 0.87 13.28 -6.16
C ASN A 195 0.49 12.41 -4.95
N ILE A 196 1.48 11.72 -4.38
CA ILE A 196 1.24 10.73 -3.30
C ILE A 196 1.92 11.12 -1.99
N PRO A 197 1.48 10.54 -0.89
CA PRO A 197 0.39 9.55 -0.91
C PRO A 197 -1.04 10.12 -1.01
N CYS A 198 -1.27 11.40 -0.77
CA CYS A 198 -2.61 11.95 -1.03
C CYS A 198 -2.59 13.00 -2.10
N GLY A 199 -3.37 12.79 -3.13
CA GLY A 199 -3.44 13.75 -4.21
C GLY A 199 -4.64 14.64 -4.01
N SER A 200 -4.72 15.67 -4.81
CA SER A 200 -5.92 16.49 -4.83
C SER A 200 -6.85 15.91 -5.86
N LYS A 201 -7.90 16.65 -6.20
CA LYS A 201 -8.81 16.20 -7.24
C LYS A 201 -8.22 16.46 -8.61
N GLU A 202 -7.49 17.56 -8.75
CA GLU A 202 -6.91 17.89 -10.04
C GLU A 202 -5.45 17.44 -10.21
N LYS A 203 -4.79 17.02 -9.13
CA LYS A 203 -3.49 16.35 -9.23
C LYS A 203 -3.49 15.13 -8.30
N PRO A 204 -4.23 14.09 -8.70
CA PRO A 204 -4.45 12.93 -7.82
C PRO A 204 -3.24 12.04 -7.64
N GLY A 205 -3.34 11.11 -6.69
CA GLY A 205 -2.31 10.12 -6.53
C GLY A 205 -2.59 9.03 -7.56
N VAL A 206 -1.55 8.31 -7.99
CA VAL A 206 -1.76 7.17 -8.91
C VAL A 206 -1.42 5.84 -8.20
N TYR A 207 -2.30 4.88 -8.35
CA TYR A 207 -2.22 3.60 -7.64
C TYR A 207 -2.29 2.43 -8.63
N THR A 208 -1.53 1.38 -8.36
CA THR A 208 -1.64 0.15 -9.15
C THR A 208 -3.06 -0.38 -9.01
N ASN A 209 -3.66 -0.75 -10.14
CA ASN A 209 -5.03 -1.24 -10.16
C ASN A 209 -5.07 -2.73 -9.81
N VAL A 210 -5.12 -3.02 -8.53
CA VAL A 210 -4.95 -4.36 -7.99
C VAL A 210 -5.96 -5.37 -8.55
N CYS A 211 -7.18 -4.91 -8.83
CA CYS A 211 -8.19 -5.84 -9.31
C CYS A 211 -7.78 -6.54 -10.63
N ARG A 212 -6.89 -5.91 -11.40
CA ARG A 212 -6.38 -6.49 -12.65
C ARG A 212 -5.47 -7.72 -12.46
N TYR A 213 -4.93 -7.86 -11.25
CA TYR A 213 -3.86 -8.80 -10.94
C TYR A 213 -4.28 -10.04 -10.16
N THR A 214 -5.58 -10.21 -9.92
CA THR A 214 -6.01 -11.29 -9.01
C THR A 214 -5.61 -12.67 -9.55
N ASN A 215 -5.68 -12.84 -10.87
CA ASN A 215 -5.29 -14.11 -11.48
C ASN A 215 -3.79 -14.34 -11.39
N TRP A 216 -3.00 -13.31 -11.66
CA TRP A 216 -1.56 -13.43 -11.59
C TRP A 216 -1.15 -13.72 -10.14
N ILE A 217 -1.82 -13.07 -9.18
CA ILE A 217 -1.48 -13.26 -7.76
C ILE A 217 -1.79 -14.70 -7.39
N GLN A 218 -2.97 -15.16 -7.79
CA GLN A 218 -3.37 -16.53 -7.50
C GLN A 218 -2.41 -17.56 -8.10
N LYS A 219 -2.06 -17.37 -9.37
CA LYS A 219 -1.12 -18.27 -10.04
C LYS A 219 0.22 -18.35 -9.30
N THR A 220 0.72 -17.20 -8.87
CA THR A 220 1.99 -17.11 -8.19
C THR A 220 1.92 -17.79 -6.80
N ILE A 221 0.87 -17.51 -6.06
CA ILE A 221 0.76 -18.03 -4.71
C ILE A 221 0.58 -19.54 -4.76
N GLN A 222 -0.22 -19.99 -5.72
CA GLN A 222 -0.56 -21.40 -5.75
C GLN A 222 0.54 -22.23 -6.42
N ALA A 223 1.48 -21.55 -7.08
CA ALA A 223 2.56 -22.22 -7.81
C ALA A 223 3.34 -23.21 -6.94
#